data_7U1B
#
_entry.id   7U1B
#
_cell.length_a   111.765
_cell.length_b   111.765
_cell.length_c   57.429
_cell.angle_alpha   90.000
_cell.angle_beta   90.000
_cell.angle_gamma   90.000
#
_symmetry.space_group_name_H-M   'P 41'
#
loop_
_entity.id
_entity.type
_entity.pdbx_description
1 polymer 'Beta-lactamase domain-containing protein'
2 non-polymer 'HEXATANTALUM DODECABROMIDE'
3 non-polymer BICINE
4 non-polymer 2-AMINO-2-HYDROXYMETHYL-PROPANE-1,3-DIOL
5 non-polymer 'SULFATE ION'
6 water water
#
_entity_poly.entity_id   1
_entity_poly.type   'polypeptide(L)'
_entity_poly.pdbx_seq_one_letter_code
;MRIGRSRRRALSLLAGVFGCAAVAATPALALPKGKPEEGGFSAERLKRLDDHMQTMVDRGQIAGGVTVLARHGRVVQARA
FGRRVLGGDPMPMDAIFRIRSETKPVTGVAMMMLYEQGLWRLDDPVSLHIPEFANLRVAKGVDETGQPILTPVSRSPTMR
ELMTHTAGFAYGLANDPSSPADQAYYRAEVLQSASLTDLVQKVSGLPMFAEPGQLWRYSVAADIQGYIVEKLSGQSLPVF
MQERIFTPLGMKDTAFYVPEEKQARLAALYDGDPATGQLVPAVEGAWRDVSKPPAAPLGGGGLVSTAGDFARFAQMILNK
GELDGVRILKPETVALMTQNHLPEGFVVTTNGTAGVLAPAARPFPFAAGMGYGIDMAVAVDPAASGAPVGPGTVSWGGSA
GTWFWIDPANNLFFVGMIQRLGGVGPGLDAQSRTLVYQALERPPMPPVQVSAKAPVRPTVSRKLAAALE
;
_entity_poly.pdbx_strand_id   A
#
# COMPACT_ATOMS: atom_id res chain seq x y z
N ALA A 30 2.85 -12.26 -17.56
CA ALA A 30 2.01 -13.42 -17.05
C ALA A 30 0.60 -12.89 -16.75
N LEU A 31 0.00 -12.29 -17.77
CA LEU A 31 -1.45 -12.03 -17.94
C LEU A 31 -1.64 -11.94 -19.45
N PRO A 32 -2.76 -12.39 -20.05
CA PRO A 32 -2.90 -12.32 -21.51
C PRO A 32 -2.77 -10.89 -22.06
N LYS A 33 -2.27 -10.74 -23.31
CA LYS A 33 -2.10 -9.43 -23.99
C LYS A 33 -3.21 -9.25 -25.02
N GLY A 34 -3.48 -8.01 -25.38
CA GLY A 34 -4.59 -7.61 -26.26
C GLY A 34 -4.33 -6.28 -26.94
N LYS A 35 -4.96 -6.05 -28.09
CA LYS A 35 -4.87 -4.72 -28.73
C LYS A 35 -5.62 -3.77 -27.82
N PRO A 36 -5.15 -2.52 -27.67
CA PRO A 36 -5.87 -1.52 -26.90
C PRO A 36 -7.37 -1.37 -27.23
N GLU A 37 -7.80 -1.63 -28.46
CA GLU A 37 -9.22 -1.49 -28.88
C GLU A 37 -10.03 -2.67 -28.30
N GLU A 38 -9.41 -3.82 -28.03
CA GLU A 38 -10.12 -4.94 -27.34
C GLU A 38 -10.49 -4.45 -25.94
N GLY A 39 -9.72 -3.51 -25.39
CA GLY A 39 -9.93 -2.98 -24.03
C GLY A 39 -10.76 -1.71 -24.01
N GLY A 40 -11.14 -1.18 -25.18
CA GLY A 40 -12.00 0.01 -25.29
C GLY A 40 -11.17 1.28 -25.41
N PHE A 41 -9.90 1.13 -25.78
CA PHE A 41 -8.96 2.27 -25.77
C PHE A 41 -8.62 2.68 -27.19
N SER A 42 -8.46 4.00 -27.36
CA SER A 42 -7.72 4.66 -28.46
C SER A 42 -6.21 4.47 -28.27
N ALA A 43 -5.58 3.70 -29.17
CA ALA A 43 -4.12 3.48 -29.27
C ALA A 43 -3.37 4.83 -29.37
N GLU A 44 -3.96 5.81 -30.04
CA GLU A 44 -3.35 7.15 -30.25
C GLU A 44 -3.34 7.89 -28.92
N ARG A 45 -4.48 7.93 -28.23
CA ARG A 45 -4.64 8.66 -26.94
C ARG A 45 -3.88 7.91 -25.82
N LEU A 46 -3.67 6.60 -25.95
CA LEU A 46 -2.83 5.81 -25.00
C LEU A 46 -1.37 6.20 -25.12
N LYS A 47 -0.91 6.67 -26.29
CA LYS A 47 0.53 7.04 -26.47
C LYS A 47 0.84 8.32 -25.69
N ARG A 48 -0.14 9.15 -25.34
CA ARG A 48 0.13 10.41 -24.60
C ARG A 48 0.70 10.04 -23.23
N LEU A 49 0.40 8.82 -22.77
CA LEU A 49 0.84 8.18 -21.50
C LEU A 49 2.27 7.64 -21.62
N ASP A 50 2.56 6.86 -22.65
CA ASP A 50 3.95 6.44 -23.01
C ASP A 50 4.81 7.70 -23.06
N ASP A 51 4.32 8.75 -23.74
CA ASP A 51 5.02 10.03 -23.98
C ASP A 51 5.37 10.63 -22.62
N HIS A 52 4.39 10.70 -21.70
CA HIS A 52 4.54 11.43 -20.40
C HIS A 52 5.63 10.74 -19.57
N MET A 53 5.65 9.41 -19.55
CA MET A 53 6.63 8.60 -18.79
C MET A 53 8.04 8.87 -19.33
N GLN A 54 8.21 8.80 -20.65
CA GLN A 54 9.49 9.10 -21.31
C GLN A 54 9.93 10.54 -20.94
N THR A 55 9.02 11.52 -20.96
CA THR A 55 9.34 12.93 -20.60
C THR A 55 9.87 13.00 -19.15
N MET A 56 9.43 12.11 -18.26
CA MET A 56 9.86 12.11 -16.83
C MET A 56 11.27 11.54 -16.73
N VAL A 57 11.67 10.61 -17.62
CA VAL A 57 13.08 10.12 -17.65
C VAL A 57 14.02 11.21 -18.22
N ASP A 58 13.64 11.81 -19.35
CA ASP A 58 14.41 12.82 -20.12
C ASP A 58 14.70 14.01 -19.21
N ARG A 59 13.68 14.49 -18.48
CA ARG A 59 13.78 15.64 -17.53
C ARG A 59 14.46 15.22 -16.22
N GLY A 60 14.87 13.96 -16.07
CA GLY A 60 15.48 13.42 -14.83
C GLY A 60 14.61 13.54 -13.57
N GLN A 61 13.28 13.52 -13.68
CA GLN A 61 12.31 13.26 -12.57
C GLN A 61 12.45 11.82 -12.06
N ILE A 62 12.75 10.86 -12.94
CA ILE A 62 12.93 9.43 -12.55
C ILE A 62 14.04 8.79 -13.39
N ALA A 63 14.64 7.72 -12.89
CA ALA A 63 15.62 6.87 -13.60
C ALA A 63 14.93 5.99 -14.65
N GLY A 64 13.71 5.57 -14.34
CA GLY A 64 12.90 4.64 -15.13
C GLY A 64 11.74 4.09 -14.31
N GLY A 65 11.05 3.11 -14.86
CA GLY A 65 9.87 2.53 -14.21
C GLY A 65 9.18 1.58 -15.15
N VAL A 66 8.07 1.01 -14.68
CA VAL A 66 7.28 -0.02 -15.39
C VAL A 66 5.83 0.30 -15.13
N THR A 67 4.98 0.17 -16.14
CA THR A 67 3.53 0.42 -16.00
C THR A 67 2.76 -0.74 -16.66
N VAL A 68 1.72 -1.20 -16.01
CA VAL A 68 0.73 -2.15 -16.59
C VAL A 68 -0.65 -1.52 -16.50
N LEU A 69 -1.34 -1.43 -17.63
CA LEU A 69 -2.78 -1.05 -17.77
C LEU A 69 -3.52 -2.29 -18.30
N ALA A 70 -4.58 -2.72 -17.64
CA ALA A 70 -5.33 -3.95 -17.99
C ALA A 70 -6.82 -3.66 -17.88
N ARG A 71 -7.60 -4.15 -18.83
CA ARG A 71 -9.08 -4.10 -18.78
C ARG A 71 -9.66 -5.43 -19.28
N HIS A 72 -10.76 -5.87 -18.68
CA HIS A 72 -11.44 -7.14 -19.06
C HIS A 72 -10.45 -8.30 -18.98
N GLY A 73 -9.51 -8.24 -18.05
CA GLY A 73 -8.60 -9.37 -17.77
C GLY A 73 -7.45 -9.50 -18.76
N ARG A 74 -7.29 -8.57 -19.71
CA ARG A 74 -6.10 -8.58 -20.61
C ARG A 74 -5.32 -7.28 -20.50
N VAL A 75 -4.00 -7.39 -20.57
CA VAL A 75 -3.04 -6.24 -20.60
C VAL A 75 -3.30 -5.49 -21.90
N VAL A 76 -3.48 -4.16 -21.87
CA VAL A 76 -3.57 -3.31 -23.09
C VAL A 76 -2.29 -2.47 -23.23
N GLN A 77 -1.59 -2.15 -22.15
CA GLN A 77 -0.27 -1.50 -22.19
C GLN A 77 0.57 -2.00 -21.00
N ALA A 78 1.72 -2.61 -21.29
CA ALA A 78 2.79 -2.93 -20.31
C ALA A 78 4.12 -2.48 -20.92
N ARG A 79 4.69 -1.40 -20.39
CA ARG A 79 5.94 -0.72 -20.83
C ARG A 79 6.91 -0.59 -19.66
N ALA A 80 8.20 -0.78 -19.95
CA ALA A 80 9.37 -0.44 -19.12
C ALA A 80 10.10 0.74 -19.77
N PHE A 81 10.49 1.76 -19.01
CA PHE A 81 11.14 2.96 -19.59
C PHE A 81 12.28 3.39 -18.66
N GLY A 82 13.23 4.14 -19.22
CA GLY A 82 14.49 4.59 -18.59
C GLY A 82 15.34 3.41 -18.13
N ARG A 83 16.06 3.58 -17.03
CA ARG A 83 17.14 2.66 -16.57
C ARG A 83 16.85 2.20 -15.14
N ARG A 84 17.32 1.00 -14.78
CA ARG A 84 17.22 0.35 -13.45
C ARG A 84 18.06 1.16 -12.47
N VAL A 85 19.33 1.37 -12.77
CA VAL A 85 20.27 2.27 -12.04
C VAL A 85 20.56 3.47 -12.95
N LEU A 86 21.01 4.61 -12.41
CA LEU A 86 21.03 5.91 -13.13
C LEU A 86 21.97 5.84 -14.34
N GLY A 87 23.17 5.30 -14.19
CA GLY A 87 24.14 5.20 -15.31
C GLY A 87 23.91 3.96 -16.16
N GLY A 88 23.10 3.00 -15.71
CA GLY A 88 23.27 1.58 -16.00
C GLY A 88 22.29 1.03 -17.01
N ASP A 89 22.00 -0.27 -16.88
CA ASP A 89 21.20 -1.09 -17.83
C ASP A 89 19.81 -0.49 -17.95
N PRO A 90 19.05 -0.78 -19.03
CA PRO A 90 17.68 -0.28 -19.16
C PRO A 90 16.72 -1.01 -18.19
N MET A 91 15.68 -0.32 -17.72
CA MET A 91 14.67 -0.90 -16.80
C MET A 91 14.05 -2.13 -17.47
N PRO A 92 14.29 -3.34 -16.96
CA PRO A 92 13.61 -4.53 -17.48
C PRO A 92 12.16 -4.59 -17.00
N MET A 93 11.29 -5.28 -17.76
CA MET A 93 9.86 -5.46 -17.40
C MET A 93 9.73 -6.18 -16.06
N ASP A 94 10.73 -6.96 -15.61
CA ASP A 94 10.60 -7.79 -14.38
C ASP A 94 11.50 -7.16 -13.28
N ALA A 95 11.71 -5.86 -13.36
CA ALA A 95 12.32 -5.05 -12.27
C ALA A 95 11.61 -5.30 -10.94
N ILE A 96 12.39 -5.38 -9.86
CA ILE A 96 11.91 -5.54 -8.47
C ILE A 96 11.93 -4.16 -7.78
N PHE A 97 10.80 -3.82 -7.17
CA PHE A 97 10.55 -2.52 -6.52
C PHE A 97 10.12 -2.72 -5.06
N ARG A 98 10.59 -1.80 -4.22
CA ARG A 98 10.14 -1.53 -2.83
C ARG A 98 8.77 -0.87 -2.91
N ILE A 99 7.68 -1.62 -2.68
CA ILE A 99 6.28 -1.11 -2.83
C ILE A 99 5.85 -0.38 -1.55
N ARG A 100 6.58 -0.61 -0.45
CA ARG A 100 6.37 0.07 0.85
C ARG A 100 4.92 -0.08 1.28
N SER A 101 4.27 1.04 1.54
CA SER A 101 2.90 1.13 2.09
C SER A 101 1.88 0.41 1.19
N GLU A 102 2.20 0.16 -0.08
CA GLU A 102 1.41 -0.63 -1.07
C GLU A 102 1.35 -2.09 -0.58
N THR A 103 2.22 -2.49 0.35
CA THR A 103 2.18 -3.79 1.06
C THR A 103 0.81 -3.97 1.72
N LYS A 104 0.27 -2.88 2.23
CA LYS A 104 -0.87 -2.84 3.17
C LYS A 104 -2.03 -3.70 2.64
N PRO A 105 -2.55 -3.44 1.43
CA PRO A 105 -3.68 -4.23 0.89
C PRO A 105 -3.43 -5.75 0.77
N VAL A 106 -2.20 -6.15 0.48
CA VAL A 106 -1.77 -7.57 0.52
C VAL A 106 -1.92 -8.11 1.94
N THR A 107 -1.45 -7.39 2.97
CA THR A 107 -1.65 -7.78 4.38
C THR A 107 -3.15 -7.85 4.63
N GLY A 108 -3.92 -6.92 4.06
CA GLY A 108 -5.39 -6.92 4.12
C GLY A 108 -5.97 -8.26 3.71
N VAL A 109 -5.57 -8.74 2.52
CA VAL A 109 -6.00 -10.03 1.94
C VAL A 109 -5.57 -11.16 2.92
N ALA A 110 -4.37 -11.10 3.50
CA ALA A 110 -3.96 -12.14 4.48
C ALA A 110 -4.94 -12.19 5.66
N MET A 111 -5.29 -11.01 6.18
CA MET A 111 -6.18 -10.88 7.36
C MET A 111 -7.58 -11.42 6.97
N MET A 112 -8.04 -11.15 5.75
CA MET A 112 -9.40 -11.56 5.34
C MET A 112 -9.45 -13.08 5.13
N MET A 113 -8.31 -13.74 4.94
CA MET A 113 -8.30 -15.21 4.80
C MET A 113 -8.57 -15.82 6.18
N LEU A 114 -7.95 -15.27 7.23
CA LEU A 114 -8.19 -15.71 8.62
C LEU A 114 -9.60 -15.29 9.04
N TYR A 115 -10.17 -14.25 8.41
CA TYR A 115 -11.57 -13.84 8.62
C TYR A 115 -12.50 -14.98 8.20
N GLU A 116 -12.34 -15.42 6.96
CA GLU A 116 -13.11 -16.53 6.35
C GLU A 116 -12.97 -17.83 7.16
N GLN A 117 -11.83 -18.09 7.83
CA GLN A 117 -11.61 -19.25 8.72
C GLN A 117 -12.22 -19.03 10.11
N GLY A 118 -12.87 -17.88 10.36
CA GLY A 118 -13.58 -17.61 11.62
C GLY A 118 -12.63 -17.25 12.76
N LEU A 119 -11.39 -16.81 12.51
CA LEU A 119 -10.40 -16.64 13.59
C LEU A 119 -10.48 -15.23 14.22
N TRP A 120 -11.13 -14.28 13.56
CA TRP A 120 -11.40 -12.93 14.11
C TRP A 120 -12.61 -12.33 13.41
N ARG A 121 -13.32 -11.42 14.09
CA ARG A 121 -14.52 -10.70 13.58
C ARG A 121 -14.20 -9.20 13.61
N LEU A 122 -14.77 -8.41 12.71
CA LEU A 122 -14.52 -6.94 12.67
C LEU A 122 -14.97 -6.27 13.98
N ASP A 123 -15.90 -6.87 14.72
CA ASP A 123 -16.55 -6.25 15.92
C ASP A 123 -15.75 -6.66 17.16
N ASP A 124 -14.76 -7.55 17.03
CA ASP A 124 -13.88 -8.01 18.14
C ASP A 124 -13.07 -6.82 18.63
N PRO A 125 -12.84 -6.65 19.95
CA PRO A 125 -11.79 -5.73 20.42
C PRO A 125 -10.40 -6.30 20.11
N VAL A 126 -9.47 -5.44 19.72
CA VAL A 126 -8.09 -5.89 19.33
C VAL A 126 -7.44 -6.60 20.51
N SER A 127 -7.78 -6.19 21.73
CA SER A 127 -7.19 -6.72 22.99
C SER A 127 -7.59 -8.20 23.21
N LEU A 128 -8.63 -8.70 22.54
CA LEU A 128 -8.97 -10.16 22.54
C LEU A 128 -7.83 -10.94 21.88
N HIS A 129 -7.19 -10.37 20.83
CA HIS A 129 -6.11 -11.03 20.04
C HIS A 129 -4.74 -10.57 20.54
N ILE A 130 -4.63 -9.36 21.10
CA ILE A 130 -3.37 -8.83 21.71
C ILE A 130 -3.69 -8.38 23.14
N PRO A 131 -3.63 -9.27 24.15
CA PRO A 131 -4.08 -8.93 25.52
C PRO A 131 -3.38 -7.73 26.16
N GLU A 132 -2.11 -7.50 25.81
CA GLU A 132 -1.29 -6.37 26.31
C GLU A 132 -1.98 -5.03 26.00
N PHE A 133 -2.90 -5.01 25.03
CA PHE A 133 -3.56 -3.77 24.55
C PHE A 133 -4.56 -3.29 25.61
N ALA A 134 -4.88 -4.12 26.60
CA ALA A 134 -5.49 -3.73 27.89
C ALA A 134 -4.79 -2.51 28.51
N ASN A 135 -3.49 -2.30 28.30
CA ASN A 135 -2.67 -1.27 29.01
C ASN A 135 -2.52 -0.01 28.15
N LEU A 136 -3.31 0.11 27.09
CA LEU A 136 -3.21 1.25 26.15
C LEU A 136 -3.63 2.55 26.84
N ARG A 137 -2.79 3.58 26.72
CA ARG A 137 -3.04 4.95 27.26
C ARG A 137 -2.94 5.93 26.10
N VAL A 138 -3.69 7.02 26.18
CA VAL A 138 -3.81 8.04 25.11
C VAL A 138 -3.12 9.31 25.60
N ALA A 139 -2.34 9.95 24.73
CA ALA A 139 -1.69 11.26 25.00
C ALA A 139 -2.72 12.35 24.78
N LYS A 140 -2.96 13.18 25.81
CA LYS A 140 -3.93 14.30 25.85
C LYS A 140 -3.15 15.61 26.09
N GLY A 141 -2.37 16.06 25.11
CA GLY A 141 -1.44 17.20 25.27
C GLY A 141 -0.28 16.89 26.23
N VAL A 142 0.45 17.94 26.58
CA VAL A 142 1.86 17.89 27.08
C VAL A 142 1.94 18.75 28.37
N ASP A 143 2.71 18.35 29.38
CA ASP A 143 2.81 19.10 30.67
C ASP A 143 3.92 20.17 30.58
N GLU A 144 4.21 20.86 31.70
CA GLU A 144 5.16 22.02 31.77
C GLU A 144 6.60 21.49 31.57
N THR A 145 6.80 20.20 31.84
CA THR A 145 8.06 19.45 31.62
C THR A 145 8.14 18.88 30.19
N GLY A 146 7.19 19.22 29.30
CA GLY A 146 7.08 18.65 27.94
C GLY A 146 6.77 17.14 27.87
N GLN A 147 6.35 16.47 28.94
CA GLN A 147 5.91 15.06 28.87
C GLN A 147 4.40 14.98 28.57
N PRO A 148 3.99 13.99 27.76
CA PRO A 148 2.57 13.81 27.45
C PRO A 148 1.75 13.45 28.70
N ILE A 149 0.56 14.02 28.86
CA ILE A 149 -0.34 13.63 29.99
C ILE A 149 -1.14 12.41 29.48
N LEU A 150 -1.10 11.30 30.25
CA LEU A 150 -1.52 9.95 29.81
C LEU A 150 -2.76 9.48 30.58
N THR A 151 -3.77 9.03 29.82
CA THR A 151 -5.07 8.55 30.34
C THR A 151 -5.28 7.12 29.87
N PRO A 152 -5.85 6.20 30.67
CA PRO A 152 -6.24 4.90 30.14
C PRO A 152 -7.24 5.11 29.00
N VAL A 153 -7.15 4.28 27.97
CA VAL A 153 -7.97 4.44 26.74
C VAL A 153 -9.42 4.09 27.10
N SER A 154 -10.39 4.83 26.59
CA SER A 154 -11.83 4.64 26.87
C SER A 154 -12.16 3.16 26.75
N ARG A 155 -11.60 2.50 25.73
CA ARG A 155 -11.92 1.08 25.43
C ARG A 155 -10.92 0.62 24.34
N SER A 156 -10.66 -0.67 24.26
CA SER A 156 -9.83 -1.23 23.16
C SER A 156 -10.35 -0.77 21.80
N PRO A 157 -9.46 -0.47 20.83
CA PRO A 157 -9.88 -0.39 19.44
C PRO A 157 -10.52 -1.72 18.97
N THR A 158 -11.45 -1.63 18.03
CA THR A 158 -12.01 -2.81 17.34
C THR A 158 -11.09 -3.20 16.18
N MET A 159 -11.20 -4.45 15.76
CA MET A 159 -10.50 -4.94 14.55
C MET A 159 -10.87 -4.06 13.35
N ARG A 160 -12.11 -3.61 13.20
CA ARG A 160 -12.49 -2.80 12.01
C ARG A 160 -11.69 -1.48 12.03
N GLU A 161 -11.43 -0.92 13.22
CA GLU A 161 -10.66 0.34 13.36
C GLU A 161 -9.17 0.08 13.11
N LEU A 162 -8.68 -1.08 13.52
CA LEU A 162 -7.33 -1.60 13.18
C LEU A 162 -7.21 -1.62 11.65
N MET A 163 -8.21 -2.14 10.95
CA MET A 163 -8.14 -2.39 9.49
C MET A 163 -8.32 -1.09 8.70
N THR A 164 -8.86 -0.03 9.34
CA THR A 164 -9.23 1.25 8.69
C THR A 164 -8.38 2.45 9.19
N HIS A 165 -7.31 2.24 9.96
CA HIS A 165 -6.49 3.33 10.55
C HIS A 165 -7.36 4.32 11.30
N THR A 166 -8.33 3.84 12.08
CA THR A 166 -9.17 4.69 12.96
C THR A 166 -9.07 4.17 14.39
N ALA A 167 -7.98 3.48 14.75
CA ALA A 167 -7.81 2.84 16.07
C ALA A 167 -7.11 3.80 17.06
N GLY A 168 -6.58 4.92 16.57
CA GLY A 168 -5.90 5.94 17.38
C GLY A 168 -4.41 5.69 17.57
N PHE A 169 -3.85 4.66 16.94
CA PHE A 169 -2.38 4.37 16.95
C PHE A 169 -1.66 5.51 16.24
N ALA A 170 -0.37 5.62 16.51
CA ALA A 170 0.38 6.76 15.96
C ALA A 170 1.27 6.36 14.79
N TYR A 171 2.03 7.32 14.27
CA TYR A 171 2.94 7.10 13.11
C TYR A 171 4.35 6.91 13.66
N GLY A 172 5.13 6.00 13.09
CA GLY A 172 6.46 5.69 13.64
C GLY A 172 7.65 6.34 12.93
N LEU A 173 7.42 7.15 11.90
CA LEU A 173 8.56 7.71 11.12
C LEU A 173 8.71 9.21 11.37
N ALA A 174 8.10 9.75 12.43
CA ALA A 174 8.15 11.21 12.64
C ALA A 174 8.68 11.59 14.02
N ASN A 175 9.83 12.28 14.04
CA ASN A 175 10.42 12.81 15.29
C ASN A 175 9.84 14.20 15.51
N ASP A 176 8.58 14.31 15.93
CA ASP A 176 7.82 15.59 15.95
C ASP A 176 7.35 15.93 17.35
N PRO A 177 7.92 16.97 18.02
CA PRO A 177 7.56 17.25 19.41
C PRO A 177 6.12 17.80 19.54
N SER A 178 5.60 18.42 18.48
CA SER A 178 4.20 18.92 18.38
C SER A 178 3.18 17.76 18.34
N SER A 179 3.63 16.50 18.19
CA SER A 179 2.81 15.27 18.29
C SER A 179 3.51 14.25 19.18
N PRO A 180 3.32 14.37 20.50
CA PRO A 180 3.96 13.51 21.47
C PRO A 180 3.88 11.99 21.25
N ALA A 181 2.75 11.52 20.73
CA ALA A 181 2.49 10.08 20.47
C ALA A 181 3.48 9.61 19.38
N ASP A 182 3.64 10.39 18.31
CA ASP A 182 4.58 10.09 17.22
C ASP A 182 6.01 10.12 17.75
N GLN A 183 6.36 11.16 18.50
CA GLN A 183 7.74 11.36 18.99
C GLN A 183 8.15 10.13 19.81
N ALA A 184 7.22 9.62 20.60
CA ALA A 184 7.46 8.47 21.49
C ALA A 184 7.71 7.21 20.65
N TYR A 185 6.99 7.05 19.54
CA TYR A 185 7.08 5.86 18.65
C TYR A 185 8.45 5.90 17.99
N TYR A 186 8.87 7.10 17.56
CA TYR A 186 10.17 7.28 16.89
C TYR A 186 11.28 6.92 17.88
N ARG A 187 11.15 7.43 19.10
CA ARG A 187 12.13 7.27 20.20
C ARG A 187 12.17 5.81 20.63
N ALA A 188 11.04 5.08 20.68
CA ALA A 188 11.01 3.65 21.07
C ALA A 188 11.50 2.76 19.93
N GLU A 189 11.73 3.34 18.74
CA GLU A 189 12.19 2.62 17.52
C GLU A 189 11.22 1.49 17.23
N VAL A 190 9.93 1.80 17.08
CA VAL A 190 8.87 0.76 16.91
C VAL A 190 9.08 -0.04 15.62
N LEU A 191 9.32 0.64 14.50
CA LEU A 191 9.48 -0.03 13.20
C LEU A 191 10.80 -0.80 13.11
N GLN A 192 11.78 -0.45 13.94
CA GLN A 192 13.10 -1.12 13.97
C GLN A 192 13.15 -2.08 15.16
N SER A 193 12.16 -2.94 15.33
CA SER A 193 12.06 -3.87 16.50
C SER A 193 12.68 -5.23 16.17
N ALA A 194 13.07 -6.01 17.18
CA ALA A 194 13.78 -7.32 16.99
C ALA A 194 12.80 -8.37 16.46
N SER A 195 11.52 -8.20 16.72
CA SER A 195 10.46 -9.12 16.26
C SER A 195 9.13 -8.37 16.20
N LEU A 196 8.08 -8.97 15.63
CA LEU A 196 6.71 -8.43 15.70
C LEU A 196 6.15 -8.51 17.13
N THR A 197 6.61 -9.43 17.97
CA THR A 197 6.21 -9.48 19.42
C THR A 197 6.80 -8.27 20.13
N ASP A 198 8.07 -7.97 19.87
CA ASP A 198 8.76 -6.78 20.41
C ASP A 198 7.93 -5.54 20.00
N LEU A 199 7.46 -5.48 18.76
CA LEU A 199 6.86 -4.25 18.16
C LEU A 199 5.55 -3.97 18.89
N VAL A 200 4.77 -5.00 19.04
CA VAL A 200 3.42 -4.90 19.60
C VAL A 200 3.54 -4.58 21.11
N GLN A 201 4.49 -5.18 21.83
CA GLN A 201 4.74 -4.86 23.27
C GLN A 201 5.06 -3.37 23.40
N LYS A 202 5.95 -2.82 22.56
CA LYS A 202 6.28 -1.38 22.61
C LYS A 202 5.02 -0.53 22.46
N VAL A 203 4.18 -0.83 21.46
CA VAL A 203 2.99 -0.04 21.09
C VAL A 203 2.04 -0.03 22.29
N SER A 204 1.97 -1.15 22.99
CA SER A 204 1.05 -1.36 24.13
C SER A 204 1.40 -0.42 25.29
N GLY A 205 2.69 -0.11 25.47
CA GLY A 205 3.20 0.82 26.50
C GLY A 205 3.44 2.24 25.97
N LEU A 206 3.08 2.56 24.75
CA LEU A 206 3.35 3.91 24.20
C LEU A 206 2.05 4.70 24.07
N PRO A 207 2.11 6.03 24.17
CA PRO A 207 0.91 6.84 24.06
C PRO A 207 0.28 6.68 22.68
N MET A 208 -1.02 6.44 22.64
CA MET A 208 -1.85 6.55 21.42
C MET A 208 -2.02 8.01 21.02
N PHE A 209 -2.22 8.28 19.73
CA PHE A 209 -2.45 9.65 19.21
C PHE A 209 -3.86 10.13 19.63
N ALA A 210 -4.80 9.19 19.78
CA ALA A 210 -6.23 9.51 20.06
C ALA A 210 -6.97 8.28 20.57
N GLU A 211 -8.14 8.54 21.18
CA GLU A 211 -9.19 7.53 21.47
C GLU A 211 -9.53 6.84 20.15
N PRO A 212 -9.78 5.51 20.15
CA PRO A 212 -10.24 4.83 18.96
C PRO A 212 -11.58 5.39 18.43
N GLY A 213 -11.75 5.37 17.12
CA GLY A 213 -12.99 5.69 16.43
C GLY A 213 -13.20 7.16 16.17
N GLN A 214 -12.25 8.06 16.49
CA GLN A 214 -12.45 9.53 16.40
C GLN A 214 -12.02 10.07 15.05
N LEU A 215 -10.97 9.54 14.42
CA LEU A 215 -10.50 10.12 13.14
C LEU A 215 -9.64 9.14 12.38
N TRP A 216 -9.54 9.32 11.06
CA TRP A 216 -8.60 8.57 10.21
C TRP A 216 -7.21 9.21 10.30
N ARG A 217 -6.19 8.41 10.59
CA ARG A 217 -4.79 8.91 10.62
C ARG A 217 -3.86 7.73 10.30
N TYR A 218 -2.98 7.90 9.33
CA TYR A 218 -2.04 6.81 8.92
C TYR A 218 -1.21 6.38 10.12
N SER A 219 -1.01 5.09 10.28
CA SER A 219 -0.39 4.58 11.52
C SER A 219 0.34 3.27 11.30
N VAL A 220 0.77 2.65 12.40
CA VAL A 220 1.51 1.36 12.37
C VAL A 220 0.51 0.21 12.43
N ALA A 221 -0.76 0.47 12.10
CA ALA A 221 -1.84 -0.52 12.23
C ALA A 221 -1.63 -1.80 11.41
N ALA A 222 -1.20 -1.68 10.15
CA ALA A 222 -0.95 -2.86 9.29
C ALA A 222 0.22 -3.68 9.83
N ASP A 223 1.20 -3.02 10.45
CA ASP A 223 2.30 -3.73 11.12
C ASP A 223 1.74 -4.56 12.29
N ILE A 224 0.79 -4.02 13.03
CA ILE A 224 0.11 -4.77 14.13
C ILE A 224 -0.73 -5.86 13.48
N GLN A 225 -1.38 -5.57 12.35
CA GLN A 225 -2.13 -6.60 11.58
C GLN A 225 -1.20 -7.78 11.28
N GLY A 226 0.01 -7.51 10.78
CA GLY A 226 1.05 -8.53 10.57
C GLY A 226 1.25 -9.43 11.79
N TYR A 227 1.34 -8.86 12.98
CA TYR A 227 1.53 -9.67 14.21
C TYR A 227 0.29 -10.54 14.38
N ILE A 228 -0.89 -9.99 14.15
CA ILE A 228 -2.14 -10.79 14.31
C ILE A 228 -2.18 -11.93 13.29
N VAL A 229 -1.62 -11.73 12.09
CA VAL A 229 -1.57 -12.83 11.10
C VAL A 229 -0.72 -13.97 11.68
N GLU A 230 0.47 -13.63 12.20
CA GLU A 230 1.45 -14.59 12.79
C GLU A 230 0.77 -15.33 13.93
N LYS A 231 0.10 -14.63 14.85
CA LYS A 231 -0.51 -15.25 16.05
C LYS A 231 -1.66 -16.18 15.65
N LEU A 232 -2.56 -15.73 14.80
CA LEU A 232 -3.76 -16.52 14.43
C LEU A 232 -3.38 -17.69 13.51
N SER A 233 -2.43 -17.51 12.59
CA SER A 233 -2.12 -18.52 11.53
C SER A 233 -1.20 -19.58 12.13
N GLY A 234 -0.43 -19.19 13.14
CA GLY A 234 0.66 -19.96 13.75
C GLY A 234 1.89 -20.00 12.87
N GLN A 235 1.93 -19.27 11.76
CA GLN A 235 3.09 -19.23 10.84
C GLN A 235 3.65 -17.80 10.83
N SER A 236 4.94 -17.62 10.63
CA SER A 236 5.55 -16.30 10.34
C SER A 236 4.86 -15.63 9.14
N LEU A 237 4.78 -14.30 9.15
CA LEU A 237 4.05 -13.51 8.11
C LEU A 237 4.60 -13.85 6.74
N PRO A 238 5.94 -13.92 6.51
CA PRO A 238 6.47 -14.19 5.17
C PRO A 238 6.10 -15.60 4.65
N VAL A 239 5.98 -16.58 5.55
CA VAL A 239 5.55 -17.97 5.17
C VAL A 239 4.04 -17.98 4.87
N PHE A 240 3.24 -17.36 5.73
CA PHE A 240 1.76 -17.31 5.55
C PHE A 240 1.44 -16.69 4.19
N MET A 241 2.04 -15.56 3.89
CA MET A 241 1.74 -14.81 2.64
C MET A 241 2.25 -15.59 1.42
N GLN A 242 3.37 -16.31 1.53
CA GLN A 242 3.90 -17.15 0.43
C GLN A 242 2.94 -18.32 0.14
N GLU A 243 2.52 -19.05 1.18
CA GLU A 243 1.72 -20.29 0.98
C GLU A 243 0.31 -19.90 0.50
N ARG A 244 -0.25 -18.80 1.03
CA ARG A 244 -1.71 -18.48 0.88
C ARG A 244 -1.95 -17.38 -0.17
N ILE A 245 -0.93 -16.62 -0.59
CA ILE A 245 -1.10 -15.54 -1.59
C ILE A 245 -0.09 -15.70 -2.73
N PHE A 246 1.21 -15.51 -2.51
CA PHE A 246 2.14 -15.32 -3.67
C PHE A 246 2.23 -16.59 -4.52
N THR A 247 2.47 -17.75 -3.92
CA THR A 247 2.54 -19.05 -4.65
C THR A 247 1.22 -19.28 -5.38
N PRO A 248 0.06 -19.37 -4.72
CA PRO A 248 -1.20 -19.62 -5.43
C PRO A 248 -1.49 -18.69 -6.61
N LEU A 249 -1.15 -17.39 -6.50
CA LEU A 249 -1.37 -16.37 -7.57
C LEU A 249 -0.13 -16.23 -8.46
N GLY A 250 0.89 -17.07 -8.29
CA GLY A 250 2.10 -17.01 -9.11
C GLY A 250 2.79 -15.66 -9.06
N MET A 251 2.81 -15.01 -7.90
CA MET A 251 3.67 -13.82 -7.68
C MET A 251 5.08 -14.30 -7.27
N LYS A 252 5.94 -14.54 -8.26
CA LYS A 252 7.15 -15.40 -8.07
C LYS A 252 8.31 -14.60 -7.47
N ASP A 253 8.25 -13.25 -7.48
CA ASP A 253 9.34 -12.33 -7.03
C ASP A 253 8.91 -11.48 -5.83
N THR A 254 7.73 -11.73 -5.25
CA THR A 254 7.13 -10.90 -4.17
C THR A 254 7.53 -11.50 -2.82
N ALA A 255 8.14 -10.68 -1.98
CA ALA A 255 8.78 -11.14 -0.74
C ALA A 255 9.14 -9.95 0.15
N PHE A 256 9.57 -10.23 1.38
CA PHE A 256 10.10 -9.21 2.34
C PHE A 256 11.60 -8.94 2.10
N TYR A 257 12.26 -9.67 1.20
CA TYR A 257 13.66 -9.40 0.77
C TYR A 257 13.85 -9.76 -0.71
N VAL A 258 14.94 -9.23 -1.27
CA VAL A 258 15.51 -9.54 -2.61
C VAL A 258 16.71 -10.48 -2.44
N PRO A 259 16.58 -11.79 -2.75
CA PRO A 259 17.69 -12.73 -2.58
C PRO A 259 18.80 -12.47 -3.60
N GLU A 260 20.04 -12.87 -3.28
CA GLU A 260 21.29 -12.58 -4.05
C GLU A 260 21.07 -12.77 -5.57
N GLU A 261 20.47 -13.88 -6.01
CA GLU A 261 20.33 -14.17 -7.47
C GLU A 261 19.47 -13.11 -8.19
N LYS A 262 18.54 -12.43 -7.51
CA LYS A 262 17.59 -11.43 -8.11
C LYS A 262 18.07 -9.99 -7.86
N GLN A 263 19.17 -9.81 -7.16
CA GLN A 263 19.70 -8.47 -6.79
C GLN A 263 19.96 -7.64 -8.06
N ALA A 264 20.25 -8.26 -9.19
CA ALA A 264 20.51 -7.60 -10.51
C ALA A 264 19.24 -6.94 -11.07
N ARG A 265 18.02 -7.37 -10.69
CA ARG A 265 16.78 -6.80 -11.25
C ARG A 265 16.20 -5.71 -10.32
N LEU A 266 16.81 -5.50 -9.15
CA LEU A 266 16.36 -4.50 -8.15
C LEU A 266 16.53 -3.10 -8.69
N ALA A 267 15.47 -2.33 -8.79
CA ALA A 267 15.55 -0.90 -9.14
C ALA A 267 16.20 -0.16 -7.96
N ALA A 268 16.95 0.88 -8.26
CA ALA A 268 17.65 1.70 -7.26
C ALA A 268 16.71 2.83 -6.83
N LEU A 269 16.86 3.27 -5.58
CA LEU A 269 16.04 4.33 -4.97
C LEU A 269 16.77 5.67 -5.08
N TYR A 270 16.09 6.70 -5.60
CA TYR A 270 16.64 8.07 -5.85
C TYR A 270 15.78 9.13 -5.15
N ASP A 271 16.39 10.29 -4.85
CA ASP A 271 15.78 11.47 -4.18
C ASP A 271 16.22 12.71 -4.97
N GLY A 272 15.86 13.90 -4.51
CA GLY A 272 16.30 15.21 -5.04
C GLY A 272 15.09 16.13 -5.22
N ASP A 273 15.32 17.36 -5.71
CA ASP A 273 14.30 18.38 -6.04
C ASP A 273 13.79 18.09 -7.46
N PRO A 274 12.47 18.07 -7.73
CA PRO A 274 11.96 18.02 -9.10
C PRO A 274 12.54 19.05 -10.10
N ALA A 275 12.53 20.35 -9.75
CA ALA A 275 12.92 21.50 -10.61
C ALA A 275 14.30 21.27 -11.28
N THR A 276 15.29 20.78 -10.52
CA THR A 276 16.64 20.39 -11.00
C THR A 276 16.60 18.96 -11.56
N GLY A 277 17.27 18.69 -12.67
CA GLY A 277 17.41 17.33 -13.24
C GLY A 277 18.16 16.39 -12.29
N GLN A 278 18.64 16.90 -11.14
CA GLN A 278 19.60 16.23 -10.24
C GLN A 278 18.89 15.11 -9.45
N LEU A 279 19.18 13.86 -9.81
CA LEU A 279 18.80 12.61 -9.11
C LEU A 279 20.03 12.15 -8.31
N VAL A 280 19.87 11.88 -7.00
CA VAL A 280 20.93 11.38 -6.10
C VAL A 280 20.42 10.10 -5.45
N PRO A 281 21.27 9.10 -5.11
CA PRO A 281 20.80 7.89 -4.44
C PRO A 281 20.30 8.31 -3.06
N ALA A 282 19.11 7.88 -2.67
CA ALA A 282 18.46 8.25 -1.39
C ALA A 282 19.24 7.62 -0.25
N VAL A 283 19.41 8.32 0.87
CA VAL A 283 19.91 7.67 2.12
C VAL A 283 18.70 7.44 3.02
N GLU A 284 18.48 6.16 3.39
CA GLU A 284 17.40 5.73 4.31
C GLU A 284 17.95 4.64 5.26
N GLY A 285 17.52 4.69 6.51
CA GLY A 285 18.04 3.83 7.60
C GLY A 285 18.11 2.37 7.18
N ALA A 286 19.15 1.67 7.64
CA ALA A 286 19.46 0.27 7.31
C ALA A 286 18.27 -0.64 7.61
N TRP A 287 17.29 -0.13 8.34
CA TRP A 287 16.12 -0.94 8.74
C TRP A 287 15.21 -1.19 7.53
N ARG A 288 15.27 -0.31 6.55
CA ARG A 288 14.42 -0.45 5.34
C ARG A 288 15.15 -1.31 4.32
N ASP A 289 16.35 -1.79 4.67
CA ASP A 289 17.16 -2.63 3.75
C ASP A 289 16.39 -3.86 3.33
N VAL A 290 16.56 -4.29 2.08
CA VAL A 290 15.79 -5.43 1.49
C VAL A 290 16.72 -6.55 0.99
N SER A 291 18.01 -6.47 1.29
CA SER A 291 19.00 -7.51 0.91
C SER A 291 18.87 -8.75 1.80
N LYS A 292 18.40 -8.63 3.05
CA LYS A 292 18.35 -9.77 3.99
C LYS A 292 16.93 -9.91 4.54
N PRO A 293 16.43 -11.14 4.85
CA PRO A 293 15.15 -11.30 5.53
C PRO A 293 15.06 -10.47 6.82
N PRO A 294 13.97 -9.69 7.01
CA PRO A 294 13.82 -8.86 8.20
C PRO A 294 13.48 -9.70 9.43
N ALA A 295 13.93 -9.25 10.61
CA ALA A 295 13.60 -9.83 11.94
C ALA A 295 12.13 -9.57 12.25
N ALA A 296 11.65 -8.38 11.89
CA ALA A 296 10.28 -7.88 12.14
C ALA A 296 9.63 -7.51 10.81
N PRO A 297 9.10 -8.50 10.04
CA PRO A 297 8.39 -8.23 8.80
C PRO A 297 7.23 -7.25 8.95
N LEU A 298 7.22 -6.17 8.18
CA LEU A 298 6.19 -5.12 8.36
C LEU A 298 5.05 -5.28 7.35
N GLY A 299 3.84 -5.53 7.86
CA GLY A 299 2.65 -5.69 7.01
C GLY A 299 2.24 -4.40 6.35
N GLY A 300 2.67 -3.27 6.90
CA GLY A 300 2.40 -1.98 6.28
C GLY A 300 3.43 -1.54 5.27
N GLY A 301 4.60 -2.17 5.19
CA GLY A 301 5.59 -1.61 4.27
C GLY A 301 6.78 -2.45 3.87
N GLY A 302 6.77 -3.75 4.09
CA GLY A 302 8.01 -4.52 3.85
C GLY A 302 8.10 -5.31 2.56
N LEU A 303 7.11 -5.23 1.68
CA LEU A 303 7.14 -6.11 0.49
C LEU A 303 7.98 -5.47 -0.59
N VAL A 304 8.72 -6.30 -1.33
CA VAL A 304 9.15 -5.97 -2.73
C VAL A 304 8.28 -6.76 -3.70
N SER A 305 8.10 -6.24 -4.90
CA SER A 305 7.28 -6.92 -5.92
C SER A 305 7.66 -6.44 -7.32
N THR A 306 7.13 -7.08 -8.36
CA THR A 306 7.22 -6.57 -9.75
C THR A 306 5.85 -6.08 -10.19
N ALA A 307 5.82 -5.33 -11.29
CA ALA A 307 4.61 -4.85 -11.98
C ALA A 307 3.74 -6.05 -12.32
N GLY A 308 4.36 -7.13 -12.75
CA GLY A 308 3.64 -8.35 -13.15
C GLY A 308 3.04 -9.03 -11.94
N ASP A 309 3.80 -9.17 -10.86
CA ASP A 309 3.28 -9.81 -9.62
C ASP A 309 2.15 -8.93 -9.08
N PHE A 310 2.33 -7.62 -9.03
CA PHE A 310 1.29 -6.74 -8.47
C PHE A 310 0.05 -6.80 -9.36
N ALA A 311 0.25 -6.77 -10.67
CA ALA A 311 -0.83 -6.84 -11.69
C ALA A 311 -1.67 -8.11 -11.47
N ARG A 312 -1.02 -9.23 -11.19
CA ARG A 312 -1.78 -10.48 -10.95
C ARG A 312 -2.63 -10.31 -9.67
N PHE A 313 -2.08 -9.71 -8.62
CA PHE A 313 -2.81 -9.39 -7.36
C PHE A 313 -4.03 -8.52 -7.67
N ALA A 314 -3.85 -7.43 -8.42
CA ALA A 314 -4.92 -6.46 -8.81
C ALA A 314 -6.00 -7.18 -9.60
N GLN A 315 -5.60 -8.08 -10.50
CA GLN A 315 -6.58 -8.80 -11.34
C GLN A 315 -7.40 -9.73 -10.46
N MET A 316 -6.77 -10.35 -9.47
CA MET A 316 -7.42 -11.24 -8.46
C MET A 316 -8.51 -10.44 -7.73
N ILE A 317 -8.27 -9.17 -7.39
CA ILE A 317 -9.34 -8.33 -6.76
C ILE A 317 -10.43 -8.01 -7.80
N LEU A 318 -10.10 -7.60 -9.02
CA LEU A 318 -11.11 -7.39 -10.09
C LEU A 318 -12.00 -8.63 -10.26
N ASN A 319 -11.46 -9.84 -10.12
CA ASN A 319 -12.23 -11.11 -10.30
C ASN A 319 -12.93 -11.52 -9.00
N LYS A 320 -13.00 -10.65 -8.00
CA LYS A 320 -13.64 -10.95 -6.69
C LYS A 320 -13.08 -12.24 -6.10
N GLY A 321 -11.76 -12.46 -6.10
CA GLY A 321 -11.09 -13.45 -5.22
C GLY A 321 -10.39 -14.62 -5.92
N GLU A 322 -10.22 -14.56 -7.25
CA GLU A 322 -9.83 -15.73 -8.08
C GLU A 322 -8.86 -15.30 -9.18
N LEU A 323 -7.89 -16.14 -9.52
CA LEU A 323 -7.10 -15.94 -10.76
C LEU A 323 -6.73 -17.30 -11.33
N ASP A 324 -7.06 -17.54 -12.61
CA ASP A 324 -6.60 -18.71 -13.40
C ASP A 324 -6.95 -20.01 -12.66
N GLY A 325 -8.19 -20.07 -12.16
CA GLY A 325 -8.71 -21.27 -11.47
C GLY A 325 -8.43 -21.30 -9.98
N VAL A 326 -7.47 -20.51 -9.48
CA VAL A 326 -7.08 -20.50 -8.04
C VAL A 326 -7.90 -19.45 -7.29
N ARG A 327 -8.70 -19.89 -6.30
CA ARG A 327 -9.55 -19.01 -5.46
C ARG A 327 -8.90 -18.86 -4.08
N ILE A 328 -8.59 -17.62 -3.69
CA ILE A 328 -7.93 -17.32 -2.39
C ILE A 328 -8.90 -16.59 -1.45
N LEU A 329 -9.96 -16.00 -1.99
CA LEU A 329 -10.98 -15.27 -1.18
C LEU A 329 -12.35 -15.45 -1.81
N LYS A 330 -13.41 -15.52 -1.00
CA LYS A 330 -14.82 -15.57 -1.46
C LYS A 330 -15.22 -14.21 -2.01
N PRO A 331 -16.11 -14.14 -3.00
CA PRO A 331 -16.50 -12.86 -3.59
C PRO A 331 -17.17 -11.87 -2.63
N GLU A 332 -17.87 -12.37 -1.63
CA GLU A 332 -18.51 -11.53 -0.58
C GLU A 332 -17.39 -10.82 0.19
N THR A 333 -16.29 -11.53 0.46
CA THR A 333 -15.14 -11.04 1.24
C THR A 333 -14.42 -9.92 0.48
N VAL A 334 -14.20 -10.06 -0.83
CA VAL A 334 -13.55 -8.98 -1.63
C VAL A 334 -14.47 -7.75 -1.70
N ALA A 335 -15.79 -7.96 -1.76
CA ALA A 335 -16.78 -6.86 -1.81
C ALA A 335 -16.72 -6.05 -0.51
N LEU A 336 -16.63 -6.75 0.63
CA LEU A 336 -16.46 -6.15 1.99
C LEU A 336 -15.21 -5.26 2.01
N MET A 337 -14.08 -5.76 1.49
CA MET A 337 -12.78 -5.05 1.56
C MET A 337 -12.84 -3.74 0.77
N THR A 338 -13.55 -3.71 -0.36
CA THR A 338 -13.43 -2.61 -1.33
C THR A 338 -14.57 -1.61 -1.15
N GLN A 339 -15.25 -1.66 -0.02
CA GLN A 339 -16.27 -0.67 0.39
C GLN A 339 -15.66 0.32 1.39
N ASN A 340 -16.28 1.48 1.53
CA ASN A 340 -15.94 2.45 2.59
C ASN A 340 -16.41 1.95 3.95
N HIS A 341 -15.51 1.77 4.91
CA HIS A 341 -15.83 1.42 6.32
C HIS A 341 -15.72 2.62 7.25
N LEU A 342 -15.53 3.83 6.74
CA LEU A 342 -15.34 5.01 7.65
C LEU A 342 -16.70 5.54 8.04
N PRO A 343 -16.82 6.12 9.25
CA PRO A 343 -17.99 6.92 9.60
C PRO A 343 -18.15 8.13 8.64
N GLU A 344 -19.16 8.96 8.94
CA GLU A 344 -19.85 9.86 7.98
C GLU A 344 -18.90 10.99 7.55
N GLY A 345 -18.20 11.64 8.49
CA GLY A 345 -17.47 12.89 8.19
C GLY A 345 -15.98 12.73 7.86
N PHE A 346 -15.43 11.51 7.95
CA PHE A 346 -13.97 11.27 8.10
C PHE A 346 -13.21 11.72 6.84
N VAL A 347 -11.90 12.01 6.97
CA VAL A 347 -11.00 12.63 5.96
C VAL A 347 -9.70 11.82 5.84
N VAL A 348 -9.33 11.50 4.59
CA VAL A 348 -8.23 10.59 4.13
C VAL A 348 -7.24 11.39 3.28
N THR A 349 -5.96 10.98 3.30
CA THR A 349 -4.93 11.23 2.24
C THR A 349 -4.58 9.89 1.52
N THR A 350 -4.72 9.80 0.19
CA THR A 350 -4.27 8.62 -0.62
C THR A 350 -2.73 8.66 -0.58
N ASN A 351 -2.02 7.55 -0.84
CA ASN A 351 -0.53 7.48 -0.92
C ASN A 351 0.11 7.67 0.46
N GLY A 352 1.25 7.02 0.73
CA GLY A 352 2.06 7.21 1.95
C GLY A 352 3.28 8.04 1.66
N THR A 353 3.21 8.94 0.66
CA THR A 353 4.34 9.64 -0.02
C THR A 353 4.25 11.16 0.21
N ALA A 367 -8.79 14.88 -2.02
CA ALA A 367 -9.39 13.78 -1.21
C ALA A 367 -10.75 14.22 -0.62
N ALA A 368 -11.61 14.85 -1.42
CA ALA A 368 -13.07 14.86 -1.18
C ALA A 368 -13.66 13.64 -1.91
N GLY A 369 -14.77 13.12 -1.43
CA GLY A 369 -15.44 11.92 -1.97
C GLY A 369 -14.60 10.67 -1.79
N MET A 370 -13.75 10.67 -0.75
CA MET A 370 -12.66 9.68 -0.55
C MET A 370 -12.86 9.03 0.82
N GLY A 371 -12.91 7.70 0.82
CA GLY A 371 -13.21 6.86 1.99
C GLY A 371 -12.10 5.85 2.16
N TYR A 372 -12.33 4.81 2.93
CA TYR A 372 -11.25 3.85 3.26
C TYR A 372 -11.93 2.56 3.68
N GLY A 373 -11.57 1.50 2.97
CA GLY A 373 -12.04 0.13 3.20
C GLY A 373 -11.04 -0.61 4.03
N ILE A 374 -10.87 -1.90 3.77
CA ILE A 374 -9.93 -2.73 4.58
C ILE A 374 -8.59 -2.68 3.91
N ASP A 375 -7.75 -1.78 4.41
CA ASP A 375 -6.30 -1.63 4.08
C ASP A 375 -6.16 -1.05 2.68
N MET A 376 -7.14 -0.26 2.22
CA MET A 376 -7.00 0.46 0.94
C MET A 376 -7.95 1.64 0.94
N ALA A 377 -7.57 2.71 0.23
CA ALA A 377 -8.45 3.89 0.03
C ALA A 377 -9.58 3.47 -0.92
N VAL A 378 -10.73 4.12 -0.87
CA VAL A 378 -11.85 3.85 -1.81
C VAL A 378 -12.48 5.18 -2.23
N ALA A 379 -12.68 5.36 -3.53
CA ALA A 379 -13.30 6.57 -4.08
C ALA A 379 -14.82 6.43 -3.96
N VAL A 380 -15.47 6.93 -2.90
CA VAL A 380 -16.95 6.74 -2.76
C VAL A 380 -17.69 7.57 -3.82
N ASP A 381 -17.30 8.83 -4.00
CA ASP A 381 -17.97 9.75 -4.95
C ASP A 381 -16.89 10.53 -5.68
N PRO A 382 -16.24 9.94 -6.72
CA PRO A 382 -15.12 10.58 -7.41
C PRO A 382 -15.46 11.85 -8.21
N ALA A 383 -16.69 11.97 -8.72
CA ALA A 383 -17.23 13.13 -9.47
C ALA A 383 -17.07 14.41 -8.63
N ALA A 384 -17.38 14.36 -7.34
CA ALA A 384 -17.30 15.48 -6.38
C ALA A 384 -15.96 16.20 -6.47
N SER A 385 -14.84 15.49 -6.61
CA SER A 385 -13.50 16.10 -6.76
C SER A 385 -13.08 16.14 -8.24
N GLY A 386 -14.02 15.88 -9.16
CA GLY A 386 -13.80 15.80 -10.62
C GLY A 386 -12.74 14.77 -11.03
N ALA A 387 -12.53 13.72 -10.24
CA ALA A 387 -11.59 12.62 -10.55
C ALA A 387 -12.22 11.69 -11.59
N PRO A 388 -11.42 11.17 -12.54
CA PRO A 388 -11.98 10.38 -13.63
C PRO A 388 -12.31 8.92 -13.26
N VAL A 389 -11.84 8.40 -12.13
CA VAL A 389 -12.05 6.96 -11.78
C VAL A 389 -13.52 6.70 -11.49
N GLY A 390 -13.90 5.43 -11.41
CA GLY A 390 -15.29 5.01 -11.19
C GLY A 390 -15.55 4.91 -9.69
N PRO A 391 -16.78 5.21 -9.24
CA PRO A 391 -17.13 5.05 -7.83
C PRO A 391 -16.77 3.63 -7.39
N GLY A 392 -16.13 3.52 -6.22
CA GLY A 392 -15.70 2.24 -5.61
C GLY A 392 -14.32 1.80 -6.05
N THR A 393 -13.61 2.63 -6.79
CA THR A 393 -12.18 2.43 -7.14
C THR A 393 -11.35 2.39 -5.85
N VAL A 394 -10.51 1.37 -5.71
CA VAL A 394 -9.58 1.20 -4.55
C VAL A 394 -8.15 1.51 -5.00
N SER A 395 -7.33 2.06 -4.11
CA SER A 395 -6.00 2.61 -4.47
C SER A 395 -5.14 2.80 -3.24
N TRP A 396 -3.82 2.79 -3.46
CA TRP A 396 -2.78 3.18 -2.48
C TRP A 396 -1.44 3.37 -3.21
N GLY A 397 -0.48 3.96 -2.51
CA GLY A 397 0.83 4.39 -3.01
C GLY A 397 1.86 4.30 -1.88
N GLY A 398 3.06 3.80 -2.18
CA GLY A 398 4.21 3.73 -1.27
C GLY A 398 5.01 5.01 -1.28
N SER A 399 5.80 5.27 -0.24
CA SER A 399 6.72 6.43 -0.06
C SER A 399 7.83 6.48 -1.13
N ALA A 400 8.15 5.37 -1.81
CA ALA A 400 9.13 5.29 -2.92
C ALA A 400 8.45 5.48 -4.28
N GLY A 401 7.18 5.87 -4.32
CA GLY A 401 6.54 6.36 -5.56
C GLY A 401 5.81 5.32 -6.37
N THR A 402 5.79 4.06 -5.94
CA THR A 402 4.89 3.02 -6.49
C THR A 402 3.45 3.48 -6.26
N TRP A 403 2.57 3.21 -7.23
CA TRP A 403 1.10 3.42 -7.12
C TRP A 403 0.35 2.35 -7.91
N PHE A 404 -0.93 2.22 -7.61
CA PHE A 404 -1.87 1.34 -8.32
C PHE A 404 -3.28 1.86 -8.09
N TRP A 405 -4.21 1.53 -8.98
CA TRP A 405 -5.65 1.60 -8.62
C TRP A 405 -6.39 0.47 -9.33
N ILE A 406 -7.52 0.10 -8.75
CA ILE A 406 -8.40 -0.97 -9.26
C ILE A 406 -9.83 -0.41 -9.31
N ASP A 407 -10.38 -0.30 -10.51
CA ASP A 407 -11.69 0.33 -10.80
C ASP A 407 -12.68 -0.78 -11.19
N PRO A 408 -13.37 -1.43 -10.23
CA PRO A 408 -14.31 -2.50 -10.55
C PRO A 408 -15.39 -2.09 -11.57
N ALA A 409 -15.89 -0.86 -11.49
CA ALA A 409 -16.98 -0.35 -12.35
C ALA A 409 -16.54 -0.30 -13.81
N ASN A 410 -15.31 0.08 -14.14
CA ASN A 410 -14.79 0.09 -15.54
C ASN A 410 -13.95 -1.16 -15.79
N ASN A 411 -14.03 -2.11 -14.87
CA ASN A 411 -13.39 -3.44 -14.99
C ASN A 411 -11.94 -3.34 -15.46
N LEU A 412 -11.13 -2.46 -14.85
CA LEU A 412 -9.73 -2.23 -15.27
C LEU A 412 -8.83 -1.90 -14.07
N PHE A 413 -7.52 -1.99 -14.23
CA PHE A 413 -6.56 -1.55 -13.19
C PHE A 413 -5.32 -0.98 -13.83
N PHE A 414 -4.50 -0.32 -13.02
CA PHE A 414 -3.21 0.31 -13.40
C PHE A 414 -2.22 0.09 -12.25
N VAL A 415 -1.00 -0.30 -12.59
CA VAL A 415 0.15 -0.52 -11.66
C VAL A 415 1.30 0.33 -12.19
N GLY A 416 1.79 1.28 -11.41
CA GLY A 416 2.92 2.16 -11.74
C GLY A 416 4.06 1.90 -10.79
N MET A 417 5.24 1.58 -11.31
CA MET A 417 6.41 1.27 -10.47
C MET A 417 7.53 2.23 -10.85
N ILE A 418 7.96 3.05 -9.89
CA ILE A 418 9.22 3.85 -9.91
C ILE A 418 9.91 3.62 -8.57
N GLN A 419 11.10 4.17 -8.35
CA GLN A 419 11.75 4.26 -7.00
C GLN A 419 12.28 5.69 -6.84
N ARG A 420 11.39 6.59 -6.43
CA ARG A 420 11.60 8.05 -6.30
C ARG A 420 10.87 8.54 -5.05
N LEU A 421 11.62 9.04 -4.06
CA LEU A 421 11.02 9.65 -2.85
C LEU A 421 10.41 10.98 -3.28
N GLY A 422 9.55 11.56 -2.43
CA GLY A 422 9.03 12.93 -2.64
C GLY A 422 7.71 12.96 -3.39
N GLY A 423 7.39 14.11 -3.98
CA GLY A 423 6.06 14.39 -4.55
C GLY A 423 5.88 13.81 -5.95
N VAL A 424 6.94 13.28 -6.56
CA VAL A 424 6.91 12.87 -8.00
C VAL A 424 5.85 11.79 -8.18
N GLY A 425 5.92 10.70 -7.39
CA GLY A 425 5.01 9.55 -7.48
C GLY A 425 3.53 9.97 -7.50
N PRO A 426 3.03 10.62 -6.43
CA PRO A 426 1.66 11.15 -6.41
C PRO A 426 1.26 12.00 -7.62
N GLY A 427 2.17 12.81 -8.17
CA GLY A 427 1.90 13.65 -9.36
C GLY A 427 1.70 12.78 -10.59
N LEU A 428 2.61 11.83 -10.77
CA LEU A 428 2.58 10.77 -11.79
C LEU A 428 1.30 9.94 -11.66
N ASP A 429 0.84 9.63 -10.46
CA ASP A 429 -0.42 8.85 -10.23
C ASP A 429 -1.57 9.63 -10.89
N ALA A 430 -1.73 10.89 -10.49
CA ALA A 430 -2.79 11.83 -10.91
C ALA A 430 -2.80 11.98 -12.44
N GLN A 431 -1.61 12.17 -13.00
CA GLN A 431 -1.42 12.42 -14.45
C GLN A 431 -1.79 11.13 -15.20
N SER A 432 -1.40 9.96 -14.71
CA SER A 432 -1.68 8.66 -15.38
C SER A 432 -3.19 8.39 -15.32
N ARG A 433 -3.86 8.75 -14.22
CA ARG A 433 -5.33 8.62 -14.12
C ARG A 433 -5.97 9.42 -15.24
N THR A 434 -5.58 10.68 -15.40
CA THR A 434 -6.14 11.59 -16.43
C THR A 434 -6.01 10.97 -17.83
N LEU A 435 -4.80 10.56 -18.22
CA LEU A 435 -4.45 10.03 -19.56
C LEU A 435 -5.12 8.67 -19.81
N VAL A 436 -5.27 7.84 -18.80
CA VAL A 436 -5.93 6.53 -19.02
C VAL A 436 -7.38 6.82 -19.38
N TYR A 437 -8.09 7.60 -18.58
CA TYR A 437 -9.57 7.72 -18.72
C TYR A 437 -9.86 8.57 -19.99
N GLN A 438 -8.92 9.41 -20.38
CA GLN A 438 -8.98 10.19 -21.65
C GLN A 438 -8.79 9.28 -22.87
N ALA A 439 -8.09 8.15 -22.74
CA ALA A 439 -7.87 7.17 -23.84
C ALA A 439 -9.02 6.16 -23.91
N LEU A 440 -9.90 6.14 -22.90
CA LEU A 440 -10.95 5.10 -22.74
C LEU A 440 -12.26 5.54 -23.42
N GLU A 441 -12.77 4.75 -24.37
CA GLU A 441 -14.05 5.00 -25.11
C GLU A 441 -15.11 3.99 -24.65
N ARG A 442 -16.01 4.44 -23.77
CA ARG A 442 -17.19 3.68 -23.30
C ARG A 442 -18.44 4.07 -24.09
N PRO A 443 -19.41 3.13 -24.19
CA PRO A 443 -20.75 3.46 -24.65
C PRO A 443 -21.38 4.47 -23.71
N PRO A 444 -22.19 5.45 -24.17
CA PRO A 444 -22.97 6.30 -23.26
C PRO A 444 -24.23 5.57 -22.78
N MET A 445 -25.02 6.25 -21.95
CA MET A 445 -26.30 5.80 -21.32
C MET A 445 -26.03 4.57 -20.43
#